data_9GXC
#
_entry.id   9GXC
#
_cell.length_a   39.600
_cell.length_b   39.600
_cell.length_c   167.600
_cell.angle_alpha   90.00
_cell.angle_beta   90.00
_cell.angle_gamma   90.00
#
_symmetry.space_group_name_H-M   'P 41'
#
loop_
_entity.id
_entity.type
_entity.pdbx_description
1 polymer 'ferredoxin--NADP(+) reductase'
2 non-polymer 'FLAVIN-ADENINE DINUCLEOTIDE'
3 water water
#
_entity_poly.entity_id   1
_entity_poly.type   'polypeptide(L)'
_entity_poly.pdbx_seq_one_letter_code
;GPGSHMSSNFNQETVTDIHHWTDTLFSFRTTRDPGFRFQSGQFIMMGLEVNGKPLTRAYSIASSLYEDGLEFFSIKVPNG
PLTSKLQHLKKGDQIIVSKKPVGTLLYDNLKPGKHLWLLSTGTGLAPFLSIIRDLEVYERFEKVILVHGVRQVAELAYTD
FISNELPQDEFLGEMVKNQLIYYPTVTREPYKTRGRLTDLIRSGQLFKDVGLPEFNHEDDRMMLCGSPEMLAETKQILEE
RGFTEGSQSEPGEFVIEKAFVEK(FAD)
;
_entity_poly.pdbx_strand_id   A
#
loop_
_chem_comp.id
_chem_comp.type
_chem_comp.name
_chem_comp.formula
FAD non-polymer 'FLAVIN-ADENINE DINUCLEOTIDE' 'C27 H33 N9 O15 P2'
#
# COMPACT_ATOMS: atom_id res chain seq x y z
N SER A 7 14.81 -23.84 -0.36
CA SER A 7 14.36 -23.06 0.79
C SER A 7 15.51 -22.75 1.74
N SER A 8 15.17 -22.50 3.00
CA SER A 8 16.04 -22.04 4.08
C SER A 8 16.49 -20.59 3.88
N ASN A 9 16.34 -20.03 2.68
CA ASN A 9 16.43 -18.59 2.50
C ASN A 9 15.11 -17.89 2.81
N PHE A 10 14.14 -18.62 3.35
CA PHE A 10 12.80 -18.10 3.64
C PHE A 10 12.48 -18.30 5.11
N ASN A 11 11.44 -17.61 5.57
CA ASN A 11 10.88 -17.80 6.90
C ASN A 11 9.56 -18.54 6.79
N GLN A 12 9.37 -19.54 7.63
CA GLN A 12 8.11 -20.28 7.68
C GLN A 12 7.19 -19.59 8.67
N GLU A 13 6.11 -18.99 8.16
CA GLU A 13 5.14 -18.28 8.97
C GLU A 13 3.79 -18.98 8.92
N THR A 14 3.01 -18.80 9.98
CA THR A 14 1.73 -19.47 10.14
C THR A 14 0.61 -18.44 10.02
N VAL A 15 -0.33 -18.69 9.11
CA VAL A 15 -1.46 -17.78 8.93
C VAL A 15 -2.31 -17.78 10.18
N THR A 16 -2.62 -16.58 10.68
CA THR A 16 -3.42 -16.43 11.89
C THR A 16 -4.81 -15.87 11.66
N ASP A 17 -5.03 -15.17 10.54
CA ASP A 17 -6.33 -14.59 10.24
C ASP A 17 -6.46 -14.47 8.73
N ILE A 18 -7.67 -14.71 8.22
CA ILE A 18 -7.99 -14.52 6.81
C ILE A 18 -9.32 -13.79 6.71
N HIS A 19 -9.35 -12.74 5.90
CA HIS A 19 -10.59 -12.01 5.63
C HIS A 19 -10.70 -11.80 4.13
N HIS A 20 -11.78 -12.32 3.54
CA HIS A 20 -12.03 -12.16 2.11
C HIS A 20 -12.92 -10.94 1.90
N TRP A 21 -12.40 -9.94 1.18
CA TRP A 21 -13.20 -8.75 0.90
C TRP A 21 -14.17 -9.00 -0.24
N THR A 22 -13.68 -9.50 -1.37
CA THR A 22 -14.53 -9.85 -2.50
C THR A 22 -14.17 -11.25 -3.01
N ASP A 23 -14.67 -11.61 -4.19
CA ASP A 23 -14.25 -12.84 -4.85
C ASP A 23 -12.87 -12.72 -5.48
N THR A 24 -12.29 -11.52 -5.51
CA THR A 24 -10.96 -11.29 -6.05
C THR A 24 -9.99 -10.69 -5.06
N LEU A 25 -10.47 -10.20 -3.92
CA LEU A 25 -9.63 -9.54 -2.93
C LEU A 25 -9.78 -10.24 -1.59
N PHE A 26 -8.65 -10.53 -0.95
CA PHE A 26 -8.66 -11.06 0.40
C PHE A 26 -7.35 -10.68 1.10
N SER A 27 -7.44 -10.50 2.41
CA SER A 27 -6.28 -10.17 3.23
C SER A 27 -6.11 -11.26 4.29
N PHE A 28 -4.85 -11.57 4.62
CA PHE A 28 -4.57 -12.56 5.64
C PHE A 28 -3.33 -12.14 6.44
N ARG A 29 -3.36 -12.40 7.73
CA ARG A 29 -2.26 -12.14 8.63
C ARG A 29 -1.54 -13.44 8.99
N THR A 30 -0.25 -13.32 9.26
CA THR A 30 0.59 -14.46 9.62
C THR A 30 1.41 -14.10 10.85
N THR A 31 2.22 -15.05 11.29
CA THR A 31 3.24 -14.77 12.30
C THR A 31 4.39 -14.00 11.67
N ARG A 32 5.17 -13.33 12.51
CA ARG A 32 6.33 -12.58 12.07
C ARG A 32 7.56 -13.13 12.80
N ASP A 33 8.55 -13.56 12.02
CA ASP A 33 9.76 -14.10 12.59
C ASP A 33 10.43 -13.02 13.45
N PRO A 34 11.00 -13.40 14.60
CA PRO A 34 11.68 -12.39 15.44
C PRO A 34 12.79 -11.65 14.72
N GLY A 35 13.45 -12.30 13.76
CA GLY A 35 14.51 -11.66 13.01
C GLY A 35 14.08 -10.93 11.76
N PHE A 36 12.81 -11.02 11.38
CA PHE A 36 12.32 -10.35 10.18
C PHE A 36 12.14 -8.86 10.49
N ARG A 37 12.86 -8.02 9.75
CA ARG A 37 12.81 -6.57 9.93
C ARG A 37 12.64 -5.90 8.57
N PHE A 38 11.82 -4.86 8.55
CA PHE A 38 11.53 -4.16 7.30
C PHE A 38 11.20 -2.70 7.61
N GLN A 39 11.28 -1.88 6.58
CA GLN A 39 10.83 -0.50 6.65
C GLN A 39 9.46 -0.38 5.97
N SER A 40 8.68 0.59 6.44
CA SER A 40 7.33 0.77 5.90
C SER A 40 7.40 1.15 4.43
N GLY A 41 6.70 0.38 3.59
CA GLY A 41 6.67 0.57 2.16
C GLY A 41 7.44 -0.46 1.36
N GLN A 42 8.10 -1.41 2.01
CA GLN A 42 8.88 -2.42 1.33
C GLN A 42 8.03 -3.65 1.04
N PHE A 43 8.53 -4.47 0.13
CA PHE A 43 7.90 -5.74 -0.20
C PHE A 43 8.91 -6.87 -0.03
N ILE A 44 8.41 -8.10 -0.10
CA ILE A 44 9.23 -9.31 0.02
C ILE A 44 8.71 -10.35 -0.95
N MET A 45 9.39 -11.49 -1.01
CA MET A 45 8.94 -12.63 -1.80
C MET A 45 8.10 -13.54 -0.91
N MET A 46 6.80 -13.57 -1.15
CA MET A 46 5.86 -14.35 -0.37
C MET A 46 5.21 -15.40 -1.25
N GLY A 47 4.99 -16.58 -0.70
CA GLY A 47 4.37 -17.66 -1.45
C GLY A 47 4.21 -18.95 -0.68
N LEU A 48 4.39 -20.08 -1.37
CA LEU A 48 4.16 -21.39 -0.79
C LEU A 48 5.34 -22.31 -1.10
N GLU A 49 5.38 -23.43 -0.40
CA GLU A 49 6.36 -24.49 -0.65
C GLU A 49 5.68 -25.57 -1.49
N VAL A 50 6.02 -25.62 -2.77
CA VAL A 50 5.36 -26.51 -3.73
C VAL A 50 6.38 -27.52 -4.23
N ASN A 51 6.16 -28.80 -3.92
CA ASN A 51 7.01 -29.90 -4.38
C ASN A 51 8.47 -29.69 -3.97
N GLY A 52 8.66 -29.18 -2.75
CA GLY A 52 10.01 -28.91 -2.26
C GLY A 52 10.71 -27.74 -2.93
N LYS A 53 9.98 -26.92 -3.68
CA LYS A 53 10.52 -25.73 -4.32
C LYS A 53 9.64 -24.53 -4.01
N PRO A 54 10.24 -23.34 -3.90
CA PRO A 54 9.46 -22.15 -3.53
C PRO A 54 8.71 -21.58 -4.72
N LEU A 55 7.41 -21.39 -4.54
CA LEU A 55 6.57 -20.65 -5.49
C LEU A 55 6.19 -19.35 -4.80
N THR A 56 6.85 -18.26 -5.20
CA THR A 56 6.69 -16.97 -4.53
C THR A 56 6.39 -15.89 -5.55
N ARG A 57 5.71 -14.85 -5.08
CA ARG A 57 5.48 -13.63 -5.85
C ARG A 57 5.73 -12.43 -4.95
N ALA A 58 6.05 -11.30 -5.58
CA ALA A 58 6.33 -10.08 -4.84
C ALA A 58 5.08 -9.60 -4.11
N TYR A 59 5.23 -9.28 -2.82
CA TYR A 59 4.10 -8.88 -1.99
C TYR A 59 4.54 -7.77 -1.05
N SER A 60 3.86 -6.64 -1.11
CA SER A 60 4.09 -5.57 -0.15
C SER A 60 3.66 -6.00 1.24
N ILE A 61 4.44 -5.59 2.24
CA ILE A 61 4.11 -5.91 3.62
C ILE A 61 3.07 -4.90 4.11
N ALA A 62 1.84 -5.36 4.30
CA ALA A 62 0.76 -4.47 4.70
C ALA A 62 0.70 -4.22 6.20
N SER A 63 1.41 -5.03 6.99
CA SER A 63 1.40 -4.86 8.43
C SER A 63 2.40 -3.80 8.87
N SER A 64 2.11 -3.18 10.01
CA SER A 64 3.04 -2.22 10.59
C SER A 64 4.32 -2.90 11.05
N LEU A 65 5.43 -2.17 10.96
CA LEU A 65 6.68 -2.69 11.49
C LEU A 65 6.66 -2.82 13.01
N TYR A 66 5.65 -2.27 13.67
CA TYR A 66 5.43 -2.43 15.10
C TYR A 66 4.57 -3.64 15.44
N GLU A 67 4.06 -4.33 14.43
CA GLU A 67 3.16 -5.45 14.66
C GLU A 67 3.94 -6.74 14.90
N ASP A 68 3.53 -7.49 15.92
CA ASP A 68 4.06 -8.84 16.14
C ASP A 68 3.34 -9.83 15.20
N GLY A 69 3.50 -9.57 13.91
CA GLY A 69 2.81 -10.31 12.88
C GLY A 69 2.94 -9.65 11.53
N LEU A 70 2.69 -10.40 10.46
CA LEU A 70 2.72 -9.87 9.11
C LEU A 70 1.29 -9.81 8.57
N GLU A 71 1.12 -9.09 7.46
CA GLU A 71 -0.18 -8.95 6.83
C GLU A 71 0.02 -8.69 5.35
N PHE A 72 -0.84 -9.28 4.53
CA PHE A 72 -0.74 -9.21 3.08
C PHE A 72 -2.10 -8.93 2.48
N PHE A 73 -2.19 -7.85 1.70
CA PHE A 73 -3.39 -7.54 0.91
C PHE A 73 -3.22 -8.17 -0.46
N SER A 74 -3.96 -9.24 -0.73
CA SER A 74 -3.69 -10.11 -1.86
C SER A 74 -4.83 -10.10 -2.86
N ILE A 75 -4.47 -10.21 -4.14
CA ILE A 75 -5.44 -10.41 -5.20
C ILE A 75 -5.75 -11.90 -5.35
N LYS A 76 -6.89 -12.21 -5.95
CA LYS A 76 -7.28 -13.58 -6.24
C LYS A 76 -7.48 -13.73 -7.74
N VAL A 77 -6.55 -14.40 -8.38
CA VAL A 77 -6.60 -14.69 -9.82
C VAL A 77 -6.99 -16.15 -10.00
N PRO A 78 -8.00 -16.45 -10.81
CA PRO A 78 -8.45 -17.86 -10.93
C PRO A 78 -7.37 -18.79 -11.50
N ASN A 79 -6.71 -18.39 -12.58
CA ASN A 79 -5.70 -19.22 -13.22
C ASN A 79 -4.28 -18.77 -12.88
N GLY A 80 -4.11 -18.02 -11.79
CA GLY A 80 -2.79 -17.59 -11.37
C GLY A 80 -2.07 -18.67 -10.60
N PRO A 81 -0.81 -18.90 -10.94
CA PRO A 81 -0.05 -19.99 -10.28
C PRO A 81 -0.03 -19.92 -8.76
N LEU A 82 0.09 -18.72 -8.17
CA LEU A 82 0.17 -18.60 -6.72
C LEU A 82 -1.20 -18.37 -6.09
N THR A 83 -1.89 -17.30 -6.49
CA THR A 83 -3.11 -16.88 -5.81
C THR A 83 -4.29 -17.81 -6.04
N SER A 84 -4.19 -18.77 -6.97
CA SER A 84 -5.23 -19.78 -7.08
C SER A 84 -5.12 -20.81 -5.97
N LYS A 85 -3.90 -21.13 -5.54
CA LYS A 85 -3.71 -21.95 -4.35
C LYS A 85 -3.73 -21.11 -3.08
N LEU A 86 -3.28 -19.85 -3.18
CA LEU A 86 -3.19 -19.00 -2.00
C LEU A 86 -4.55 -18.50 -1.55
N GLN A 87 -5.53 -18.43 -2.45
CA GLN A 87 -6.84 -17.95 -2.07
C GLN A 87 -7.54 -18.90 -1.11
N HIS A 88 -7.22 -20.20 -1.19
CA HIS A 88 -7.83 -21.21 -0.34
C HIS A 88 -7.09 -21.39 0.98
N LEU A 89 -6.35 -20.38 1.42
CA LEU A 89 -5.61 -20.48 2.68
C LEU A 89 -6.57 -20.65 3.84
N LYS A 90 -6.09 -21.35 4.87
CA LYS A 90 -6.84 -21.56 6.10
C LYS A 90 -5.95 -21.21 7.29
N LYS A 91 -6.59 -21.02 8.44
CA LYS A 91 -5.84 -20.72 9.65
C LYS A 91 -4.91 -21.89 10.00
N GLY A 92 -3.67 -21.55 10.36
CA GLY A 92 -2.67 -22.54 10.64
C GLY A 92 -1.85 -23.00 9.44
N ASP A 93 -2.25 -22.61 8.24
CA ASP A 93 -1.50 -22.99 7.05
C ASP A 93 -0.13 -22.33 7.05
N GLN A 94 0.82 -22.97 6.37
CA GLN A 94 2.20 -22.51 6.31
C GLN A 94 2.46 -21.76 5.01
N ILE A 95 3.07 -20.58 5.12
CA ILE A 95 3.52 -19.79 3.99
C ILE A 95 4.98 -19.44 4.24
N ILE A 96 5.69 -19.09 3.15
CA ILE A 96 7.10 -18.78 3.20
C ILE A 96 7.30 -17.32 2.78
N VAL A 97 8.10 -16.60 3.57
CA VAL A 97 8.43 -15.20 3.30
C VAL A 97 9.94 -15.07 3.19
N SER A 98 10.40 -14.43 2.12
CA SER A 98 11.82 -14.15 1.97
C SER A 98 12.27 -13.17 3.04
N LYS A 99 13.52 -13.31 3.46
CA LYS A 99 14.05 -12.57 4.59
C LYS A 99 14.72 -11.25 4.18
N LYS A 100 14.68 -10.90 2.90
CA LYS A 100 15.38 -9.72 2.39
C LYS A 100 14.36 -8.73 1.81
N PRO A 101 13.90 -7.76 2.60
CA PRO A 101 12.99 -6.76 2.07
C PRO A 101 13.68 -5.85 1.06
N VAL A 102 12.86 -5.24 0.21
CA VAL A 102 13.34 -4.36 -0.86
C VAL A 102 12.15 -3.51 -1.31
N GLY A 103 12.44 -2.28 -1.74
CA GLY A 103 11.39 -1.41 -2.24
C GLY A 103 11.81 0.04 -2.44
N THR A 104 11.04 0.79 -3.23
CA THR A 104 11.31 2.20 -3.44
C THR A 104 10.39 3.11 -2.63
N LEU A 105 9.38 2.55 -1.96
CA LEU A 105 8.43 3.33 -1.18
C LEU A 105 8.97 3.60 0.23
N LEU A 106 10.11 4.28 0.27
CA LEU A 106 10.77 4.66 1.51
C LEU A 106 10.76 6.17 1.66
N TYR A 107 10.73 6.63 2.91
CA TYR A 107 10.79 8.06 3.16
C TYR A 107 12.13 8.64 2.73
N ASP A 108 13.21 7.88 2.92
CA ASP A 108 14.55 8.38 2.61
C ASP A 108 14.77 8.57 1.12
N ASN A 109 13.95 7.94 0.27
CA ASN A 109 13.98 8.22 -1.16
C ASN A 109 13.23 9.49 -1.53
N LEU A 110 12.64 10.17 -0.55
CA LEU A 110 11.94 11.43 -0.76
C LEU A 110 12.64 12.54 0.00
N LYS A 111 12.54 13.75 -0.53
CA LYS A 111 13.07 14.90 0.19
C LYS A 111 12.10 15.32 1.29
N PRO A 112 12.61 15.93 2.36
CA PRO A 112 11.73 16.40 3.44
C PRO A 112 10.65 17.32 2.91
N GLY A 113 9.39 16.98 3.21
CA GLY A 113 8.26 17.74 2.72
C GLY A 113 7.20 17.91 3.78
N LYS A 114 6.20 18.73 3.44
CA LYS A 114 5.09 19.01 4.34
C LYS A 114 3.97 18.00 4.22
N HIS A 115 3.70 17.50 3.00
CA HIS A 115 2.63 16.55 2.76
C HIS A 115 3.20 15.31 2.10
N LEU A 116 2.68 14.15 2.49
CA LEU A 116 2.97 12.88 1.82
C LEU A 116 1.68 12.37 1.19
N TRP A 117 1.68 12.28 -0.14
CA TRP A 117 0.51 11.83 -0.89
C TRP A 117 0.70 10.36 -1.26
N LEU A 118 -0.01 9.48 -0.57
CA LEU A 118 0.02 8.05 -0.86
C LEU A 118 -1.10 7.76 -1.85
N LEU A 119 -0.74 7.67 -3.12
CA LEU A 119 -1.70 7.42 -4.20
C LEU A 119 -1.64 5.95 -4.60
N SER A 120 -2.76 5.25 -4.48
CA SER A 120 -2.79 3.81 -4.69
C SER A 120 -4.09 3.40 -5.37
N THR A 121 -4.04 2.25 -6.04
CA THR A 121 -5.21 1.60 -6.61
C THR A 121 -5.15 0.10 -6.32
N GLY A 122 -6.32 -0.49 -6.06
CA GLY A 122 -6.39 -1.93 -5.88
C GLY A 122 -5.55 -2.39 -4.70
N THR A 123 -4.73 -3.42 -4.95
CA THR A 123 -3.84 -3.95 -3.92
C THR A 123 -2.64 -3.05 -3.66
N GLY A 124 -2.50 -1.94 -4.38
CA GLY A 124 -1.45 -0.99 -4.09
C GLY A 124 -1.60 -0.30 -2.75
N LEU A 125 -2.72 -0.54 -2.05
CA LEU A 125 -2.90 -0.02 -0.71
C LEU A 125 -2.02 -0.75 0.32
N ALA A 126 -1.55 -1.95 -0.01
CA ALA A 126 -0.80 -2.81 0.90
C ALA A 126 0.40 -2.11 1.51
N PRO A 127 1.35 -1.56 0.73
CA PRO A 127 2.53 -0.95 1.35
C PRO A 127 2.21 0.30 2.16
N PHE A 128 1.10 0.98 1.85
CA PHE A 128 0.72 2.16 2.60
C PHE A 128 -0.02 1.83 3.90
N LEU A 129 -0.63 0.64 3.98
CA LEU A 129 -1.16 0.18 5.26
C LEU A 129 -0.06 0.05 6.30
N SER A 130 1.17 -0.23 5.85
CA SER A 130 2.32 -0.25 6.75
C SER A 130 2.81 1.16 7.04
N ILE A 131 2.72 2.06 6.05
CA ILE A 131 3.27 3.40 6.21
C ILE A 131 2.38 4.24 7.12
N ILE A 132 1.07 4.25 6.86
CA ILE A 132 0.15 4.98 7.72
C ILE A 132 0.13 4.40 9.13
N ARG A 133 0.55 3.15 9.29
CA ARG A 133 0.74 2.55 10.60
C ARG A 133 2.19 2.60 11.06
N ASP A 134 2.94 3.60 10.60
CA ASP A 134 4.30 3.87 11.05
C ASP A 134 4.34 5.21 11.74
N LEU A 135 4.96 5.27 12.91
CA LEU A 135 5.07 6.53 13.65
C LEU A 135 5.92 7.54 12.88
N GLU A 136 6.90 7.06 12.13
CA GLU A 136 7.87 7.95 11.49
C GLU A 136 7.22 8.83 10.43
N VAL A 137 6.22 8.32 9.71
CA VAL A 137 5.60 9.09 8.64
C VAL A 137 4.90 10.32 9.19
N TYR A 138 4.42 10.26 10.43
CA TYR A 138 3.75 11.39 11.05
C TYR A 138 4.73 12.34 11.73
N GLU A 139 5.95 11.88 12.00
CA GLU A 139 7.00 12.78 12.47
C GLU A 139 7.63 13.56 11.33
N ARG A 140 7.72 12.95 10.14
CA ARG A 140 8.34 13.60 9.00
C ARG A 140 7.37 14.44 8.19
N PHE A 141 6.08 14.07 8.16
CA PHE A 141 5.10 14.74 7.32
C PHE A 141 3.96 15.25 8.20
N GLU A 142 3.61 16.52 8.00
CA GLU A 142 2.49 17.10 8.74
C GLU A 142 1.18 16.44 8.33
N LYS A 143 1.01 16.15 7.04
CA LYS A 143 -0.20 15.54 6.52
C LYS A 143 0.16 14.32 5.70
N VAL A 144 -0.55 13.22 5.94
CA VAL A 144 -0.43 12.00 5.14
C VAL A 144 -1.77 11.77 4.48
N ILE A 145 -1.80 11.88 3.15
CA ILE A 145 -3.03 11.76 2.38
C ILE A 145 -3.02 10.39 1.71
N LEU A 146 -3.91 9.50 2.17
CA LEU A 146 -4.01 8.15 1.64
C LEU A 146 -5.16 8.09 0.65
N VAL A 147 -4.83 7.97 -0.64
CA VAL A 147 -5.82 7.89 -1.71
C VAL A 147 -5.88 6.44 -2.18
N HIS A 148 -7.09 5.90 -2.27
CA HIS A 148 -7.32 4.53 -2.74
C HIS A 148 -8.37 4.56 -3.83
N GLY A 149 -8.01 4.06 -5.01
CA GLY A 149 -8.90 4.01 -6.15
C GLY A 149 -9.28 2.57 -6.46
N VAL A 150 -10.59 2.34 -6.61
CA VAL A 150 -11.13 1.02 -6.89
C VAL A 150 -12.26 1.16 -7.92
N ARG A 151 -12.73 0.01 -8.41
CA ARG A 151 -13.81 -0.02 -9.37
C ARG A 151 -15.18 -0.20 -8.71
N GLN A 152 -15.25 -0.95 -7.61
CA GLN A 152 -16.48 -1.19 -6.90
C GLN A 152 -16.31 -0.82 -5.44
N VAL A 153 -17.43 -0.56 -4.77
CA VAL A 153 -17.39 -0.17 -3.37
C VAL A 153 -16.87 -1.32 -2.51
N ALA A 154 -17.22 -2.56 -2.87
CA ALA A 154 -16.79 -3.72 -2.11
C ALA A 154 -15.27 -3.91 -2.17
N GLU A 155 -14.59 -3.30 -3.14
CA GLU A 155 -13.14 -3.39 -3.24
C GLU A 155 -12.42 -2.47 -2.26
N LEU A 156 -13.15 -1.59 -1.58
CA LEU A 156 -12.54 -0.71 -0.59
C LEU A 156 -12.19 -1.48 0.68
N ALA A 157 -11.13 -2.28 0.61
CA ALA A 157 -10.71 -3.04 1.78
C ALA A 157 -10.15 -2.09 2.84
N TYR A 158 -10.23 -2.54 4.10
CA TYR A 158 -9.74 -1.81 5.27
C TYR A 158 -10.43 -0.47 5.49
N THR A 159 -11.51 -0.19 4.74
CA THR A 159 -12.08 1.15 4.77
C THR A 159 -12.73 1.47 6.11
N ASP A 160 -13.19 0.45 6.85
CA ASP A 160 -13.70 0.68 8.20
C ASP A 160 -12.57 0.70 9.22
N PHE A 161 -11.47 0.00 8.95
CA PHE A 161 -10.33 0.00 9.85
C PHE A 161 -9.63 1.36 9.86
N ILE A 162 -9.37 1.92 8.67
CA ILE A 162 -8.69 3.20 8.57
C ILE A 162 -9.59 4.32 9.10
N SER A 163 -10.89 4.20 8.90
CA SER A 163 -11.80 5.29 9.27
C SER A 163 -12.15 5.25 10.76
N ASN A 164 -12.45 4.07 11.29
CA ASN A 164 -13.00 3.95 12.63
C ASN A 164 -12.03 3.36 13.65
N GLU A 165 -11.18 2.42 13.26
CA GLU A 165 -10.33 1.72 14.22
C GLU A 165 -8.91 2.25 14.31
N LEU A 166 -8.36 2.74 13.20
CA LEU A 166 -7.00 3.29 13.22
C LEU A 166 -6.93 4.58 14.03
N PRO A 167 -7.91 5.49 13.96
CA PRO A 167 -7.88 6.66 14.86
C PRO A 167 -7.99 6.30 16.34
N GLN A 168 -8.52 5.12 16.67
CA GLN A 168 -8.58 4.69 18.05
C GLN A 168 -7.35 3.88 18.47
N ASP A 169 -6.35 3.76 17.62
CA ASP A 169 -5.13 3.06 18.02
C ASP A 169 -4.55 3.72 19.26
N GLU A 170 -4.40 2.93 20.33
CA GLU A 170 -3.80 3.43 21.57
C GLU A 170 -2.44 4.08 21.36
N PHE A 171 -1.81 3.90 20.20
CA PHE A 171 -0.42 4.30 19.98
C PHE A 171 -0.27 5.32 18.87
N LEU A 172 -0.93 5.14 17.74
CA LEU A 172 -0.89 6.06 16.61
C LEU A 172 -2.18 6.85 16.44
N GLY A 173 -3.12 6.72 17.37
CA GLY A 173 -4.43 7.32 17.24
C GLY A 173 -4.43 8.84 17.07
N GLU A 174 -3.85 9.55 18.03
CA GLU A 174 -3.88 11.01 17.98
C GLU A 174 -3.12 11.57 16.78
N MET A 175 -2.16 10.83 16.23
CA MET A 175 -1.48 11.27 15.02
C MET A 175 -2.29 10.94 13.78
N VAL A 176 -2.92 9.76 13.75
CA VAL A 176 -3.80 9.41 12.64
C VAL A 176 -5.00 10.34 12.60
N LYS A 177 -5.49 10.73 13.79
CA LYS A 177 -6.62 11.66 13.85
C LYS A 177 -6.24 13.03 13.30
N ASN A 178 -5.02 13.49 13.57
CA ASN A 178 -4.61 14.83 13.21
C ASN A 178 -3.93 14.90 11.84
N GLN A 179 -3.15 13.88 11.48
CA GLN A 179 -2.25 13.98 10.33
C GLN A 179 -2.63 13.11 9.15
N LEU A 180 -3.55 12.16 9.31
CA LEU A 180 -3.92 11.26 8.23
C LEU A 180 -5.20 11.72 7.55
N ILE A 181 -5.17 11.79 6.23
CA ILE A 181 -6.34 12.05 5.40
C ILE A 181 -6.58 10.83 4.52
N TYR A 182 -7.80 10.31 4.55
CA TYR A 182 -8.17 9.10 3.82
C TYR A 182 -9.17 9.48 2.74
N TYR A 183 -8.81 9.21 1.49
CA TYR A 183 -9.59 9.65 0.33
C TYR A 183 -9.86 8.47 -0.60
N PRO A 184 -10.96 7.74 -0.38
CA PRO A 184 -11.32 6.65 -1.28
C PRO A 184 -12.18 7.12 -2.45
N THR A 185 -11.97 6.50 -3.60
CA THR A 185 -12.72 6.82 -4.80
C THR A 185 -13.09 5.55 -5.53
N VAL A 186 -14.28 5.56 -6.15
CA VAL A 186 -14.83 4.42 -6.87
C VAL A 186 -15.26 4.90 -8.25
N THR A 187 -15.02 4.07 -9.27
CA THR A 187 -15.27 4.46 -10.66
C THR A 187 -16.61 3.95 -11.19
N ARG A 188 -16.93 2.68 -10.98
CA ARG A 188 -18.03 2.03 -11.69
C ARG A 188 -19.22 1.71 -10.79
N GLU A 189 -19.31 2.32 -9.61
CA GLU A 189 -20.46 2.16 -8.74
C GLU A 189 -20.77 3.47 -8.04
N PRO A 190 -22.04 3.73 -7.75
CA PRO A 190 -22.40 4.97 -7.04
C PRO A 190 -21.71 5.06 -5.69
N TYR A 191 -20.85 6.08 -5.56
CA TYR A 191 -20.09 6.32 -4.34
C TYR A 191 -19.98 7.82 -4.14
N LYS A 192 -19.60 8.22 -2.92
CA LYS A 192 -19.49 9.65 -2.62
C LYS A 192 -18.33 10.31 -3.36
N THR A 193 -17.40 9.52 -3.90
CA THR A 193 -16.31 10.04 -4.72
C THR A 193 -16.21 9.17 -5.97
N ARG A 194 -16.43 9.78 -7.13
CA ARG A 194 -16.46 9.05 -8.40
C ARG A 194 -15.28 9.45 -9.28
N GLY A 195 -14.88 8.52 -10.15
CA GLY A 195 -13.88 8.79 -11.15
C GLY A 195 -12.50 8.26 -10.78
N ARG A 196 -11.64 8.21 -11.79
CA ARG A 196 -10.24 7.82 -11.57
C ARG A 196 -9.55 8.86 -10.71
N LEU A 197 -8.50 8.44 -10.00
CA LEU A 197 -7.73 9.40 -9.22
C LEU A 197 -6.94 10.34 -10.11
N THR A 198 -6.64 9.94 -11.34
CA THR A 198 -6.03 10.87 -12.28
C THR A 198 -7.03 11.94 -12.72
N ASP A 199 -8.26 11.53 -13.03
CA ASP A 199 -9.28 12.49 -13.44
C ASP A 199 -9.61 13.48 -12.34
N LEU A 200 -9.43 13.08 -11.07
CA LEU A 200 -9.62 14.01 -9.97
C LEU A 200 -8.44 14.97 -9.81
N ILE A 201 -7.28 14.62 -10.36
CA ILE A 201 -6.14 15.53 -10.31
C ILE A 201 -6.26 16.60 -11.39
N ARG A 202 -6.65 16.21 -12.60
CA ARG A 202 -6.81 17.19 -13.68
C ARG A 202 -7.87 18.23 -13.33
N SER A 203 -9.06 17.78 -12.94
CA SER A 203 -10.14 18.70 -12.58
C SER A 203 -9.88 19.43 -11.27
N GLY A 204 -8.85 19.06 -10.51
CA GLY A 204 -8.57 19.67 -9.24
C GLY A 204 -9.52 19.30 -8.12
N GLN A 205 -10.45 18.37 -8.36
CA GLN A 205 -11.40 17.99 -7.33
C GLN A 205 -10.71 17.30 -6.16
N LEU A 206 -9.55 16.69 -6.40
CA LEU A 206 -8.80 16.06 -5.32
C LEU A 206 -8.38 17.08 -4.27
N PHE A 207 -7.88 18.24 -4.70
CA PHE A 207 -7.43 19.25 -3.76
C PHE A 207 -8.57 20.00 -3.11
N LYS A 208 -9.69 20.17 -3.83
CA LYS A 208 -10.86 20.78 -3.23
C LYS A 208 -11.47 19.89 -2.15
N ASP A 209 -11.39 18.57 -2.32
CA ASP A 209 -12.01 17.65 -1.37
C ASP A 209 -11.16 17.48 -0.13
N VAL A 210 -9.84 17.35 -0.28
CA VAL A 210 -8.97 17.13 0.88
C VAL A 210 -8.58 18.42 1.58
N GLY A 211 -8.91 19.58 1.02
CA GLY A 211 -8.64 20.84 1.68
C GLY A 211 -7.19 21.27 1.67
N LEU A 212 -6.38 20.74 0.74
CA LEU A 212 -4.99 21.13 0.62
C LEU A 212 -4.75 21.81 -0.72
N PRO A 213 -3.80 22.74 -0.79
CA PRO A 213 -3.49 23.38 -2.07
C PRO A 213 -2.94 22.39 -3.08
N GLU A 214 -2.81 22.86 -4.32
CA GLU A 214 -2.31 22.01 -5.40
C GLU A 214 -0.86 21.61 -5.13
N PHE A 215 -0.39 20.63 -5.91
CA PHE A 215 0.97 20.16 -5.76
C PHE A 215 1.97 21.27 -6.05
N ASN A 216 2.92 21.45 -5.14
CA ASN A 216 4.04 22.36 -5.35
C ASN A 216 5.33 21.64 -4.95
N HIS A 217 6.44 22.09 -5.53
CA HIS A 217 7.72 21.40 -5.38
C HIS A 217 8.29 21.49 -3.98
N GLU A 218 7.74 22.34 -3.11
CA GLU A 218 8.30 22.55 -1.78
C GLU A 218 7.61 21.74 -0.70
N ASP A 219 6.28 21.61 -0.77
CA ASP A 219 5.51 21.00 0.31
C ASP A 219 5.24 19.51 0.08
N ASP A 220 4.82 19.15 -1.12
CA ASP A 220 4.16 17.87 -1.37
C ASP A 220 5.15 16.82 -1.86
N ARG A 221 5.15 15.67 -1.19
CA ARG A 221 5.83 14.47 -1.64
C ARG A 221 4.79 13.39 -1.89
N MET A 222 5.08 12.48 -2.82
CA MET A 222 4.12 11.49 -3.26
C MET A 222 4.74 10.10 -3.24
N MET A 223 3.88 9.11 -2.99
CA MET A 223 4.24 7.70 -3.14
C MET A 223 3.14 7.03 -3.97
N LEU A 224 3.52 6.46 -5.10
CA LEU A 224 2.58 5.91 -6.06
C LEU A 224 2.73 4.40 -6.12
N CYS A 225 1.61 3.70 -5.93
CA CYS A 225 1.61 2.24 -5.99
C CYS A 225 0.23 1.79 -6.45
N GLY A 226 0.09 1.52 -7.74
CA GLY A 226 -1.18 1.11 -8.29
C GLY A 226 -1.02 0.39 -9.62
N SER A 227 -2.07 0.46 -10.44
CA SER A 227 -2.07 -0.19 -11.74
C SER A 227 -1.08 0.47 -12.68
N PRO A 228 -0.60 -0.25 -13.70
CA PRO A 228 0.33 0.36 -14.66
C PRO A 228 -0.27 1.53 -15.40
N GLU A 229 -1.58 1.53 -15.65
CA GLU A 229 -2.22 2.63 -16.37
C GLU A 229 -2.42 3.85 -15.48
N MET A 230 -2.56 3.64 -14.16
CA MET A 230 -2.60 4.78 -13.24
C MET A 230 -1.20 5.33 -13.00
N LEU A 231 -0.20 4.45 -12.88
CA LEU A 231 1.17 4.89 -12.64
C LEU A 231 1.69 5.71 -13.81
N ALA A 232 1.56 5.19 -15.04
CA ALA A 232 2.06 5.90 -16.21
C ALA A 232 1.29 7.19 -16.46
N GLU A 233 0.03 7.25 -16.02
CA GLU A 233 -0.77 8.46 -16.23
C GLU A 233 -0.48 9.51 -15.16
N THR A 234 -0.27 9.08 -13.91
CA THR A 234 0.07 10.02 -12.85
C THR A 234 1.54 10.43 -12.90
N LYS A 235 2.41 9.56 -13.45
CA LYS A 235 3.82 9.94 -13.60
C LYS A 235 3.99 11.04 -14.63
N GLN A 236 3.23 10.97 -15.72
CA GLN A 236 3.26 12.05 -16.70
C GLN A 236 2.68 13.34 -16.11
N ILE A 237 1.62 13.23 -15.31
CA ILE A 237 1.05 14.40 -14.67
C ILE A 237 2.05 15.04 -13.72
N LEU A 238 2.77 14.22 -12.93
CA LEU A 238 3.69 14.77 -11.95
C LEU A 238 4.94 15.34 -12.62
N GLU A 239 5.47 14.66 -13.63
CA GLU A 239 6.73 15.08 -14.23
C GLU A 239 6.58 16.36 -15.06
N GLU A 240 5.39 16.59 -15.62
CA GLU A 240 5.18 17.78 -16.44
C GLU A 240 4.99 19.04 -15.61
N ARG A 241 4.77 18.92 -14.31
CA ARG A 241 4.70 20.06 -13.42
C ARG A 241 6.04 20.38 -12.76
N GLY A 242 7.06 19.53 -13.00
CA GLY A 242 8.39 19.77 -12.48
C GLY A 242 8.85 18.76 -11.46
N PHE A 243 7.97 17.90 -10.96
CA PHE A 243 8.34 16.95 -9.92
C PHE A 243 9.26 15.87 -10.48
N THR A 244 10.31 15.55 -9.73
CA THR A 244 11.30 14.56 -10.12
C THR A 244 11.13 13.30 -9.30
N GLU A 245 11.52 12.17 -9.88
CA GLU A 245 11.43 10.89 -9.20
C GLU A 245 12.66 10.67 -8.33
N GLY A 246 12.43 10.32 -7.07
CA GLY A 246 13.51 10.07 -6.15
C GLY A 246 13.99 8.62 -6.18
N SER A 247 15.19 8.43 -5.65
CA SER A 247 15.78 7.10 -5.58
C SER A 247 16.64 7.02 -4.33
N GLN A 248 17.27 5.85 -4.13
CA GLN A 248 18.17 5.69 -3.00
C GLN A 248 19.36 6.63 -3.10
N SER A 249 19.91 6.80 -4.31
CA SER A 249 21.08 7.64 -4.48
C SER A 249 20.73 9.13 -4.52
N GLU A 250 19.51 9.46 -4.93
CA GLU A 250 19.11 10.86 -5.15
C GLU A 250 17.66 11.03 -4.70
N PRO A 251 17.43 11.60 -3.52
CA PRO A 251 16.05 11.85 -3.08
C PRO A 251 15.35 12.82 -4.01
N GLY A 252 14.03 12.64 -4.12
CA GLY A 252 13.22 13.49 -4.98
C GLY A 252 11.87 13.84 -4.38
N GLU A 253 10.88 14.03 -5.23
CA GLU A 253 9.54 14.40 -4.77
C GLU A 253 8.55 13.24 -4.78
N PHE A 254 8.69 12.28 -5.67
CA PHE A 254 7.79 11.15 -5.71
C PHE A 254 8.56 9.88 -6.05
N VAL A 255 8.19 8.78 -5.38
CA VAL A 255 8.69 7.45 -5.73
C VAL A 255 7.50 6.61 -6.19
N ILE A 256 7.82 5.56 -6.94
CA ILE A 256 6.80 4.76 -7.63
C ILE A 256 7.12 3.28 -7.46
N GLU A 257 6.09 2.50 -7.18
CA GLU A 257 6.21 1.04 -7.15
C GLU A 257 5.00 0.44 -7.84
N LYS A 258 5.21 -0.64 -8.59
CA LYS A 258 4.11 -1.31 -9.25
C LYS A 258 3.31 -2.14 -8.25
N ALA A 259 1.99 -2.00 -8.27
CA ALA A 259 1.16 -2.91 -7.50
C ALA A 259 1.12 -4.29 -8.12
N PHE A 260 1.40 -4.39 -9.41
CA PHE A 260 1.51 -5.65 -10.13
C PHE A 260 2.07 -5.35 -11.51
N VAL A 261 2.33 -6.40 -12.28
CA VAL A 261 2.73 -6.27 -13.68
C VAL A 261 1.78 -7.10 -14.53
N GLU A 262 1.58 -6.66 -15.76
CA GLU A 262 0.69 -7.35 -16.69
C GLU A 262 1.46 -8.45 -17.39
N LYS A 263 1.15 -9.70 -17.05
CA LYS A 263 1.83 -10.84 -17.64
C LYS A 263 0.98 -11.49 -18.74
PA FAD B . 0.14 -14.15 -11.80
O1A FAD B . 0.32 -15.32 -12.69
O2A FAD B . 1.44 -13.57 -11.23
O5B FAD B . -0.71 -13.04 -12.51
C5B FAD B . -2.15 -13.17 -12.64
C4B FAD B . -2.73 -12.03 -13.43
O4B FAD B . -3.32 -11.06 -12.53
C3B FAD B . -1.77 -11.26 -14.32
O3B FAD B . -2.41 -10.80 -15.51
C2B FAD B . -1.34 -10.08 -13.42
O2B FAD B . -1.01 -8.94 -14.19
C1B FAD B . -2.61 -9.83 -12.61
N9A FAD B . -2.34 -9.39 -11.24
C8A FAD B . -1.33 -9.82 -10.42
N7A FAD B . -1.33 -9.25 -9.23
C5A FAD B . -2.40 -8.39 -9.28
C6A FAD B . -2.94 -7.48 -8.34
N6A FAD B . -2.43 -7.30 -7.11
N1A FAD B . -4.02 -6.76 -8.71
C2A FAD B . -4.53 -6.94 -9.93
N3A FAD B . -4.11 -7.75 -10.90
C4A FAD B . -3.04 -8.45 -10.51
N1 FAD B . 0.02 -8.45 -5.43
C2 FAD B . -0.85 -8.42 -4.38
O2 FAD B . -1.90 -9.07 -4.38
N3 FAD B . -0.56 -7.64 -3.27
C4 FAD B . 0.57 -6.85 -3.10
O4 FAD B . 0.72 -6.19 -2.08
C4X FAD B . 1.47 -6.89 -4.24
N5 FAD B . 2.57 -6.18 -4.17
C5X FAD B . 3.44 -6.22 -5.24
C6 FAD B . 4.62 -5.46 -5.19
C7 FAD B . 5.52 -5.48 -6.26
C7M FAD B . 6.77 -4.64 -6.16
C8 FAD B . 5.25 -6.25 -7.38
C8M FAD B . 6.21 -6.29 -8.55
C9 FAD B . 4.08 -7.01 -7.44
C9A FAD B . 3.18 -6.99 -6.39
N10 FAD B . 2.00 -7.76 -6.41
C10 FAD B . 1.12 -7.72 -5.35
C1' FAD B . 1.66 -8.59 -7.57
C2' FAD B . 2.11 -10.04 -7.41
O2' FAD B . 2.96 -10.42 -8.49
C3' FAD B . 0.87 -10.94 -7.41
O3' FAD B . 0.78 -11.61 -6.15
C4' FAD B . 0.87 -12.00 -8.51
O4' FAD B . 1.18 -11.38 -9.76
C5' FAD B . -0.45 -12.72 -8.61
O5' FAD B . -0.26 -14.10 -8.20
P FAD B . -0.31 -15.27 -9.24
O1P FAD B . -1.42 -16.24 -8.82
O2P FAD B . 1.03 -15.86 -9.46
O3P FAD B . -0.79 -14.53 -10.57
#